data_1AGQ
#
_entry.id   1AGQ
#
_cell.length_a   67.850
_cell.length_b   67.550
_cell.length_c   71.400
_cell.angle_alpha   90.00
_cell.angle_beta   115.94
_cell.angle_gamma   90.00
#
_symmetry.space_group_name_H-M   'P 1 21 1'
#
loop_
_entity.id
_entity.type
_entity.pdbx_description
1 polymer 'GLIAL CELL-DERIVED NEUROTROPHIC FACTOR'
2 water water
#
_entity_poly.entity_id   1
_entity_poly.type   'polypeptide(L)'
_entity_poly.pdbx_seq_one_letter_code
;MSPDKQAAALPRRERNRQAAAASPENSRGKGRRGQRGKNRGCVLTAIHLNVTDLGLGYETKEELIFRYCSGSCEAAETMY
DKILKNLSRSRRLTSDKVGQACCRPVAFDDDLSFLDDSLVYHILRKHSAKRCGCI
;
_entity_poly.pdbx_strand_id   A,B,C,D
#
# COMPACT_ATOMS: atom_id res chain seq x y z
N ASN A 39 -5.60 -29.15 7.29
CA ASN A 39 -5.10 -28.43 8.46
C ASN A 39 -6.15 -28.53 9.57
N ARG A 40 -6.31 -29.73 10.12
CA ARG A 40 -7.29 -29.99 11.18
C ARG A 40 -6.97 -29.32 12.53
N GLY A 41 -5.80 -28.67 12.60
CA GLY A 41 -5.41 -27.99 13.82
C GLY A 41 -6.10 -26.62 13.86
N CYS A 42 -6.52 -26.14 12.69
CA CYS A 42 -7.24 -24.87 12.61
C CYS A 42 -8.67 -25.24 12.95
N VAL A 43 -9.14 -24.80 14.11
CA VAL A 43 -10.48 -25.17 14.52
C VAL A 43 -11.33 -24.00 15.00
N LEU A 44 -12.63 -24.26 15.06
CA LEU A 44 -13.61 -23.29 15.53
C LEU A 44 -13.92 -23.57 17.01
N THR A 45 -13.94 -22.52 17.80
CA THR A 45 -14.25 -22.62 19.21
C THR A 45 -15.40 -21.66 19.50
N ALA A 46 -16.33 -22.06 20.38
CA ALA A 46 -17.46 -21.21 20.74
C ALA A 46 -17.40 -20.77 22.19
N ILE A 47 -17.73 -19.50 22.42
CA ILE A 47 -17.76 -18.99 23.77
C ILE A 47 -19.06 -18.20 23.92
N HIS A 48 -19.73 -18.42 25.03
CA HIS A 48 -21.00 -17.77 25.32
C HIS A 48 -20.66 -16.43 25.94
N LEU A 49 -21.09 -15.36 25.29
CA LEU A 49 -20.80 -14.03 25.81
C LEU A 49 -22.08 -13.17 25.80
N ASN A 50 -21.99 -12.06 26.50
CA ASN A 50 -23.05 -11.06 26.50
C ASN A 50 -22.60 -10.09 25.40
N VAL A 51 -23.51 -9.38 24.74
CA VAL A 51 -23.06 -8.43 23.73
C VAL A 51 -22.14 -7.41 24.40
N THR A 52 -22.37 -7.11 25.67
CA THR A 52 -21.53 -6.16 26.38
C THR A 52 -20.06 -6.63 26.52
N ASP A 53 -19.81 -7.91 26.31
CA ASP A 53 -18.44 -8.43 26.42
C ASP A 53 -17.65 -8.14 25.15
N LEU A 54 -18.36 -7.82 24.06
CA LEU A 54 -17.70 -7.55 22.78
C LEU A 54 -16.85 -6.27 22.76
N GLY A 55 -17.05 -5.43 23.77
CA GLY A 55 -16.31 -4.18 23.92
C GLY A 55 -16.66 -3.13 22.89
N LEU A 56 -17.87 -3.22 22.32
CA LEU A 56 -18.32 -2.30 21.29
C LEU A 56 -19.00 -1.04 21.81
N GLY A 57 -19.11 -0.94 23.12
CA GLY A 57 -19.71 0.22 23.73
C GLY A 57 -21.21 0.25 23.86
N TYR A 58 -21.88 -0.87 23.57
CA TYR A 58 -23.35 -0.90 23.67
C TYR A 58 -23.82 -1.40 25.03
N GLU A 59 -24.96 -0.89 25.47
CA GLU A 59 -25.53 -1.33 26.73
C GLU A 59 -26.78 -2.11 26.31
N THR A 60 -26.77 -3.41 26.59
CA THR A 60 -27.86 -4.29 26.20
C THR A 60 -27.81 -5.56 27.03
N LYS A 61 -28.89 -6.33 26.97
CA LYS A 61 -29.00 -7.60 27.70
C LYS A 61 -28.85 -8.76 26.73
N GLU A 62 -28.71 -8.45 25.43
CA GLU A 62 -28.59 -9.50 24.43
C GLU A 62 -27.33 -10.32 24.67
N GLU A 63 -27.41 -11.62 24.36
CA GLU A 63 -26.28 -12.54 24.51
C GLU A 63 -26.10 -13.24 23.18
N LEU A 64 -24.96 -13.90 22.99
CA LEU A 64 -24.72 -14.57 21.75
C LEU A 64 -23.64 -15.62 21.96
N ILE A 65 -23.55 -16.52 21.01
CA ILE A 65 -22.45 -17.46 21.08
C ILE A 65 -21.49 -16.87 20.06
N PHE A 66 -20.29 -16.51 20.52
CA PHE A 66 -19.25 -15.96 19.66
C PHE A 66 -18.33 -17.11 19.28
N ARG A 67 -18.05 -17.27 17.99
CA ARG A 67 -17.19 -18.35 17.54
C ARG A 67 -15.96 -17.77 16.87
N TYR A 68 -14.80 -18.35 17.16
CA TYR A 68 -13.56 -17.85 16.60
C TYR A 68 -12.71 -19.01 16.09
N CYS A 69 -11.72 -18.65 15.30
CA CYS A 69 -10.82 -19.60 14.66
C CYS A 69 -9.43 -19.53 15.28
N SER A 70 -8.84 -20.70 15.52
CA SER A 70 -7.52 -20.79 16.10
C SER A 70 -6.91 -22.15 15.75
N GLY A 71 -5.58 -22.22 15.73
CA GLY A 71 -4.95 -23.47 15.37
C GLY A 71 -3.91 -23.26 14.29
N SER A 72 -3.06 -24.26 14.11
CA SER A 72 -1.98 -24.19 13.14
C SER A 72 -2.37 -24.40 11.69
N CYS A 73 -1.61 -23.77 10.80
CA CYS A 73 -1.81 -23.88 9.37
C CYS A 73 -0.47 -24.24 8.76
N GLU A 74 0.19 -25.23 9.36
CA GLU A 74 1.50 -25.65 8.90
C GLU A 74 1.56 -26.33 7.54
N ALA A 75 0.45 -26.87 7.07
CA ALA A 75 0.41 -27.55 5.76
C ALA A 75 0.03 -26.59 4.63
N ALA A 76 0.75 -26.68 3.52
CA ALA A 76 0.48 -25.84 2.36
C ALA A 76 -0.80 -26.27 1.66
N GLU A 77 -1.74 -25.34 1.48
CA GLU A 77 -3.02 -25.65 0.84
C GLU A 77 -3.15 -25.06 -0.57
N THR A 78 -2.11 -24.38 -1.03
CA THR A 78 -2.11 -23.81 -2.37
C THR A 78 -0.70 -23.90 -2.90
N MET A 79 -0.56 -23.74 -4.22
CA MET A 79 0.73 -23.74 -4.90
C MET A 79 1.56 -22.60 -4.29
N TYR A 80 0.89 -21.49 -4.03
CA TYR A 80 1.55 -20.32 -3.48
C TYR A 80 2.28 -20.61 -2.17
N ASP A 81 1.62 -21.34 -1.26
CA ASP A 81 2.23 -21.65 0.02
C ASP A 81 3.34 -22.67 -0.13
N LYS A 82 3.20 -23.57 -1.09
CA LYS A 82 4.25 -24.57 -1.30
C LYS A 82 5.50 -23.82 -1.73
N ILE A 83 5.35 -22.92 -2.68
CA ILE A 83 6.55 -22.21 -3.14
C ILE A 83 7.15 -21.26 -2.12
N LEU A 84 6.32 -20.76 -1.20
CA LEU A 84 6.79 -19.86 -0.15
C LEU A 84 7.71 -20.68 0.76
N LYS A 85 7.29 -21.89 1.08
CA LYS A 85 8.07 -22.78 1.94
C LYS A 85 9.41 -23.06 1.29
N ASN A 86 9.34 -23.64 0.10
CA ASN A 86 10.52 -23.99 -0.69
C ASN A 86 11.52 -22.86 -0.80
N LEU A 87 11.03 -21.64 -1.01
CA LEU A 87 11.93 -20.50 -1.14
C LEU A 87 12.67 -20.22 0.18
N SER A 88 12.14 -20.75 1.28
CA SER A 88 12.78 -20.58 2.59
C SER A 88 13.93 -21.59 2.64
N ARG A 89 13.58 -22.87 2.49
CA ARG A 89 14.57 -23.93 2.49
C ARG A 89 15.59 -23.69 1.38
N SER A 90 15.32 -22.70 0.53
CA SER A 90 16.19 -22.33 -0.57
C SER A 90 17.12 -21.20 -0.14
N ARG A 91 16.52 -20.16 0.44
CA ARG A 91 17.26 -19.00 0.89
C ARG A 91 16.72 -18.55 2.24
N VAL A 98 7.99 -13.60 4.82
CA VAL A 98 7.10 -14.34 5.72
C VAL A 98 5.85 -14.77 4.97
N GLY A 99 4.76 -14.02 5.16
CA GLY A 99 3.50 -14.30 4.50
C GLY A 99 2.81 -15.64 4.71
N GLN A 100 3.12 -16.34 5.81
CA GLN A 100 2.50 -17.65 6.08
C GLN A 100 0.97 -17.59 6.22
N ALA A 101 0.31 -18.70 5.89
CA ALA A 101 -1.14 -18.78 5.96
C ALA A 101 -1.60 -18.78 7.41
N CYS A 102 -2.85 -18.36 7.64
CA CYS A 102 -3.38 -18.30 9.01
C CYS A 102 -4.78 -18.87 9.12
N CYS A 103 -5.08 -19.37 10.32
CA CYS A 103 -6.37 -19.97 10.63
C CYS A 103 -7.33 -18.79 10.86
N ARG A 104 -8.30 -18.63 9.95
CA ARG A 104 -9.25 -17.51 9.99
C ARG A 104 -10.64 -17.91 9.55
N PRO A 105 -11.65 -17.04 9.81
CA PRO A 105 -13.01 -17.36 9.38
C PRO A 105 -13.10 -17.37 7.85
N VAL A 106 -13.78 -18.35 7.28
CA VAL A 106 -13.97 -18.39 5.82
C VAL A 106 -15.46 -18.25 5.57
N ALA A 107 -16.21 -18.23 6.66
CA ALA A 107 -17.66 -18.06 6.61
C ALA A 107 -18.04 -17.41 7.93
N PHE A 108 -19.04 -16.54 7.92
CA PHE A 108 -19.46 -15.86 9.14
C PHE A 108 -20.89 -16.22 9.50
N ASP A 109 -21.24 -16.07 10.77
CA ASP A 109 -22.58 -16.36 11.23
C ASP A 109 -23.54 -15.30 10.68
N ASP A 110 -24.84 -15.59 10.77
CA ASP A 110 -25.85 -14.67 10.29
C ASP A 110 -25.82 -13.38 11.09
N ASP A 111 -26.38 -12.33 10.51
CA ASP A 111 -26.45 -11.03 11.17
C ASP A 111 -27.16 -11.19 12.49
N LEU A 112 -26.73 -10.39 13.46
CA LEU A 112 -27.33 -10.41 14.78
C LEU A 112 -27.86 -9.02 15.06
N SER A 113 -29.18 -8.91 15.23
CA SER A 113 -29.82 -7.63 15.49
C SER A 113 -30.15 -7.57 16.97
N PHE A 114 -29.85 -6.46 17.62
CA PHE A 114 -30.17 -6.32 19.02
C PHE A 114 -30.58 -4.91 19.38
N LEU A 115 -31.39 -4.81 20.44
CA LEU A 115 -31.89 -3.55 20.94
C LEU A 115 -31.04 -3.08 22.11
N ASP A 116 -30.56 -1.86 21.97
CA ASP A 116 -29.75 -1.12 22.91
C ASP A 116 -30.66 -0.72 24.07
N ASP A 117 -30.10 -0.14 25.12
CA ASP A 117 -30.90 0.33 26.24
C ASP A 117 -31.28 1.78 25.92
N SER A 118 -30.70 2.31 24.85
CA SER A 118 -30.97 3.68 24.42
C SER A 118 -32.01 3.70 23.32
N LEU A 119 -32.67 2.56 23.13
CA LEU A 119 -33.73 2.39 22.15
C LEU A 119 -33.27 2.25 20.70
N VAL A 120 -31.96 2.29 20.47
CA VAL A 120 -31.42 2.17 19.13
C VAL A 120 -31.17 0.68 18.82
N TYR A 121 -31.54 0.22 17.64
CA TYR A 121 -31.27 -1.17 17.29
C TYR A 121 -29.93 -1.21 16.54
N HIS A 122 -29.21 -2.33 16.64
CA HIS A 122 -27.95 -2.46 15.94
C HIS A 122 -27.89 -3.82 15.29
N ILE A 123 -27.12 -3.92 14.21
CA ILE A 123 -26.94 -5.18 13.51
C ILE A 123 -25.44 -5.48 13.41
N LEU A 124 -25.01 -6.60 13.97
CA LEU A 124 -23.61 -7.00 13.90
C LEU A 124 -23.53 -7.88 12.66
N ARG A 125 -22.55 -7.61 11.82
CA ARG A 125 -22.34 -8.39 10.60
C ARG A 125 -20.89 -8.87 10.57
N LYS A 126 -20.70 -10.13 10.19
CA LYS A 126 -19.34 -10.68 10.14
C LYS A 126 -18.66 -10.50 11.47
N HIS A 127 -19.40 -10.77 12.54
CA HIS A 127 -18.86 -10.61 13.89
C HIS A 127 -18.44 -11.93 14.52
N SER A 128 -18.90 -13.02 13.93
CA SER A 128 -18.63 -14.35 14.48
C SER A 128 -18.41 -15.36 13.36
N ALA A 129 -17.44 -16.24 13.58
CA ALA A 129 -17.12 -17.28 12.60
C ALA A 129 -18.16 -18.41 12.50
N LYS A 130 -18.44 -18.84 11.27
CA LYS A 130 -19.37 -19.96 11.07
C LYS A 130 -18.52 -21.17 10.67
N ARG A 131 -17.46 -20.91 9.91
CA ARG A 131 -16.54 -21.95 9.44
C ARG A 131 -15.13 -21.40 9.44
N CYS A 132 -14.16 -22.24 9.74
CA CYS A 132 -12.78 -21.81 9.77
C CYS A 132 -11.97 -22.47 8.68
N GLY A 133 -10.83 -21.87 8.33
CA GLY A 133 -9.97 -22.45 7.31
C GLY A 133 -8.63 -21.75 7.26
N CYS A 134 -7.63 -22.39 6.65
CA CYS A 134 -6.30 -21.78 6.55
C CYS A 134 -6.30 -20.95 5.26
N ILE A 135 -6.05 -19.65 5.40
CA ILE A 135 -6.06 -18.77 4.23
C ILE A 135 -4.90 -17.79 4.18
N LYS B 38 -6.85 0.35 7.55
CA LYS B 38 -5.82 0.51 6.51
C LYS B 38 -4.48 0.00 7.04
N ASN B 39 -4.01 -1.10 6.48
CA ASN B 39 -2.74 -1.69 6.89
C ASN B 39 -1.80 -1.56 5.70
N ARG B 40 -1.19 -0.38 5.59
CA ARG B 40 -0.28 -0.06 4.49
C ARG B 40 1.01 -0.86 4.47
N GLY B 41 1.31 -1.50 5.60
CA GLY B 41 2.51 -2.32 5.71
C GLY B 41 2.40 -3.68 5.04
N CYS B 42 1.18 -4.06 4.65
CA CYS B 42 0.91 -5.33 3.98
C CYS B 42 1.18 -5.05 2.50
N VAL B 43 2.35 -5.45 2.03
CA VAL B 43 2.74 -5.15 0.65
C VAL B 43 3.11 -6.32 -0.23
N LEU B 44 3.03 -6.08 -1.53
CA LEU B 44 3.33 -7.07 -2.55
C LEU B 44 4.80 -6.94 -2.87
N THR B 45 5.50 -8.07 -2.93
CA THR B 45 6.92 -8.07 -3.23
C THR B 45 7.14 -9.01 -4.41
N ALA B 46 7.92 -8.57 -5.39
CA ALA B 46 8.19 -9.38 -6.58
C ALA B 46 9.63 -9.92 -6.64
N ILE B 47 9.77 -11.11 -7.18
CA ILE B 47 11.08 -11.71 -7.35
C ILE B 47 11.07 -12.50 -8.67
N HIS B 48 12.02 -12.21 -9.54
CA HIS B 48 12.09 -12.92 -10.81
C HIS B 48 12.76 -14.25 -10.52
N LEU B 49 12.09 -15.34 -10.88
CA LEU B 49 12.62 -16.68 -10.62
C LEU B 49 12.48 -17.57 -11.83
N ASN B 50 13.19 -18.70 -11.80
CA ASN B 50 13.08 -19.68 -12.85
C ASN B 50 12.05 -20.62 -12.26
N VAL B 51 11.16 -21.16 -13.07
CA VAL B 51 10.20 -22.09 -12.54
C VAL B 51 10.93 -23.23 -11.82
N THR B 52 12.16 -23.51 -12.23
CA THR B 52 12.93 -24.55 -11.56
C THR B 52 13.36 -24.10 -10.16
N ASP B 53 13.34 -22.79 -9.89
CA ASP B 53 13.71 -22.24 -8.58
C ASP B 53 12.61 -22.53 -7.54
N LEU B 54 11.39 -22.84 -8.01
CA LEU B 54 10.26 -23.08 -7.11
C LEU B 54 10.26 -24.40 -6.35
N GLY B 55 11.17 -25.30 -6.72
CA GLY B 55 11.24 -26.58 -6.04
C GLY B 55 10.03 -27.47 -6.25
N LEU B 56 9.30 -27.23 -7.33
CA LEU B 56 8.09 -28.00 -7.64
C LEU B 56 8.39 -29.22 -8.50
N GLY B 57 9.66 -29.42 -8.82
CA GLY B 57 10.03 -30.58 -9.62
C GLY B 57 9.95 -30.40 -11.12
N TYR B 58 9.70 -29.17 -11.58
CA TYR B 58 9.61 -28.95 -13.02
C TYR B 58 10.98 -28.85 -13.69
N GLU B 59 11.12 -29.47 -14.85
CA GLU B 59 12.34 -29.41 -15.64
C GLU B 59 11.93 -28.56 -16.85
N THR B 60 12.19 -27.26 -16.75
CA THR B 60 11.82 -26.30 -17.79
C THR B 60 12.70 -25.04 -17.73
N LYS B 61 12.66 -24.23 -18.79
CA LYS B 61 13.41 -22.98 -18.85
C LYS B 61 12.44 -21.83 -18.53
N GLU B 62 11.20 -22.18 -18.25
CA GLU B 62 10.18 -21.19 -17.94
C GLU B 62 10.62 -20.30 -16.77
N GLU B 63 10.34 -19.01 -16.87
CA GLU B 63 10.69 -18.06 -15.81
C GLU B 63 9.40 -17.36 -15.42
N LEU B 64 9.42 -16.67 -14.29
CA LEU B 64 8.25 -15.96 -13.88
C LEU B 64 8.60 -14.95 -12.82
N ILE B 65 7.71 -13.97 -12.68
CA ILE B 65 7.86 -12.97 -11.64
C ILE B 65 6.95 -13.56 -10.54
N PHE B 66 7.54 -14.04 -9.45
CA PHE B 66 6.71 -14.59 -8.39
C PHE B 66 6.47 -13.42 -7.42
N ARG B 67 5.23 -13.25 -6.99
CA ARG B 67 4.93 -12.17 -6.05
C ARG B 67 4.31 -12.72 -4.78
N TYR B 68 4.74 -12.19 -3.66
CA TYR B 68 4.21 -12.65 -2.38
C TYR B 68 3.85 -11.45 -1.52
N CYS B 69 2.99 -11.70 -0.54
CA CYS B 69 2.48 -10.70 0.39
C CYS B 69 3.10 -10.86 1.76
N SER B 70 3.45 -9.73 2.37
CA SER B 70 4.04 -9.76 3.70
C SER B 70 3.95 -8.37 4.31
N GLY B 71 3.93 -8.33 5.64
CA GLY B 71 3.82 -7.06 6.34
C GLY B 71 2.86 -7.19 7.51
N SER B 72 2.68 -6.10 8.25
CA SER B 72 1.80 -6.07 9.43
C SER B 72 0.32 -5.86 9.15
N CYS B 73 -0.51 -6.48 9.99
CA CYS B 73 -1.97 -6.35 9.90
C CYS B 73 -2.52 -6.04 11.27
N GLU B 74 -1.80 -5.18 11.98
CA GLU B 74 -2.16 -4.77 13.33
C GLU B 74 -3.53 -4.12 13.45
N ALA B 75 -3.96 -3.39 12.42
CA ALA B 75 -5.25 -2.72 12.45
C ALA B 75 -6.44 -3.60 12.10
N ALA B 76 -7.43 -3.64 13.00
CA ALA B 76 -8.64 -4.43 12.76
C ALA B 76 -9.39 -3.88 11.56
N GLU B 77 -9.79 -4.75 10.65
CA GLU B 77 -10.51 -4.30 9.46
C GLU B 77 -11.89 -4.88 9.40
N THR B 78 -12.23 -5.72 10.38
CA THR B 78 -13.53 -6.35 10.42
C THR B 78 -14.08 -6.29 11.85
N MET B 79 -15.38 -6.50 11.96
CA MET B 79 -16.03 -6.51 13.26
C MET B 79 -15.41 -7.64 14.08
N TYR B 80 -15.17 -8.76 13.40
CA TYR B 80 -14.57 -9.94 14.02
C TYR B 80 -13.23 -9.62 14.68
N ASP B 81 -12.34 -8.96 13.96
CA ASP B 81 -11.03 -8.63 14.49
C ASP B 81 -11.07 -7.61 15.61
N LYS B 82 -12.04 -6.71 15.57
CA LYS B 82 -12.19 -5.70 16.61
C LYS B 82 -12.57 -6.43 17.89
N ILE B 83 -13.46 -7.40 17.75
CA ILE B 83 -13.91 -8.19 18.89
C ILE B 83 -12.76 -9.00 19.48
N LEU B 84 -11.95 -9.62 18.63
CA LEU B 84 -10.79 -10.37 19.12
C LEU B 84 -9.83 -9.49 19.94
N LYS B 85 -9.59 -8.28 19.47
CA LYS B 85 -8.72 -7.34 20.14
C LYS B 85 -9.33 -7.03 21.49
N ASN B 86 -10.64 -6.84 21.51
CA ASN B 86 -11.30 -6.51 22.78
C ASN B 86 -11.31 -7.71 23.77
N LEU B 87 -11.53 -8.91 23.28
CA LEU B 87 -11.55 -10.07 24.17
C LEU B 87 -10.18 -10.38 24.70
N SER B 88 -9.15 -10.02 23.94
CA SER B 88 -7.79 -10.26 24.42
C SER B 88 -7.47 -9.27 25.53
N ARG B 89 -7.89 -8.01 25.35
CA ARG B 89 -7.63 -7.01 26.37
C ARG B 89 -8.38 -7.36 27.64
N SER B 90 -9.57 -7.95 27.51
CA SER B 90 -10.39 -8.28 28.69
C SER B 90 -10.04 -9.62 29.31
N ARG B 91 -9.11 -10.33 28.68
CA ARG B 91 -8.64 -11.63 29.15
C ARG B 91 -9.69 -12.73 29.05
N ARG B 92 -10.66 -12.59 28.14
CA ARG B 92 -11.66 -13.62 27.98
C ARG B 92 -11.25 -14.55 26.86
N LEU B 93 -10.25 -14.12 26.11
CA LEU B 93 -9.70 -14.88 24.98
C LEU B 93 -8.32 -14.28 24.66
N THR B 94 -7.25 -14.85 25.22
CA THR B 94 -5.90 -14.34 24.95
C THR B 94 -5.57 -14.24 23.46
N SER B 95 -4.81 -13.20 23.09
CA SER B 95 -4.43 -12.97 21.69
C SER B 95 -3.85 -14.23 21.03
N VAL B 98 -6.09 -17.37 19.49
CA VAL B 98 -6.90 -17.00 18.34
C VAL B 98 -6.03 -16.51 17.19
N GLY B 99 -6.45 -16.82 15.96
CA GLY B 99 -5.70 -16.40 14.80
C GLY B 99 -5.99 -14.96 14.42
N GLN B 100 -4.96 -14.12 14.47
CA GLN B 100 -5.09 -12.71 14.10
C GLN B 100 -5.04 -12.63 12.57
N ALA B 101 -5.45 -11.49 12.02
CA ALA B 101 -5.45 -11.31 10.57
C ALA B 101 -4.02 -11.35 10.04
N CYS B 102 -3.83 -11.88 8.83
CA CYS B 102 -2.50 -11.95 8.25
C CYS B 102 -2.47 -11.35 6.85
N CYS B 103 -1.29 -10.87 6.46
CA CYS B 103 -1.07 -10.28 5.15
C CYS B 103 -0.91 -11.43 4.15
N ARG B 104 -1.89 -11.59 3.27
CA ARG B 104 -1.97 -12.67 2.30
C ARG B 104 -2.53 -12.22 0.96
N PRO B 105 -2.42 -13.08 -0.08
CA PRO B 105 -2.98 -12.64 -1.35
C PRO B 105 -4.51 -12.62 -1.28
N VAL B 106 -5.11 -11.56 -1.80
CA VAL B 106 -6.56 -11.45 -1.84
C VAL B 106 -6.95 -11.71 -3.28
N ALA B 107 -5.94 -11.71 -4.15
CA ALA B 107 -6.12 -11.99 -5.57
C ALA B 107 -4.85 -12.66 -6.04
N PHE B 108 -4.98 -13.57 -7.01
CA PHE B 108 -3.83 -14.31 -7.53
C PHE B 108 -3.58 -13.99 -9.00
N ASP B 109 -2.34 -14.11 -9.43
CA ASP B 109 -2.00 -13.86 -10.81
C ASP B 109 -2.76 -14.92 -11.61
N ASP B 110 -2.87 -14.72 -12.91
CA ASP B 110 -3.57 -15.69 -13.74
C ASP B 110 -2.78 -16.99 -13.81
N ASP B 111 -3.51 -18.08 -14.04
CA ASP B 111 -2.91 -19.42 -14.18
C ASP B 111 -1.75 -19.31 -15.18
N LEU B 112 -0.66 -20.04 -14.92
CA LEU B 112 0.50 -20.04 -15.80
C LEU B 112 0.53 -21.45 -16.42
N SER B 113 0.40 -21.52 -17.73
CA SER B 113 0.42 -22.79 -18.48
C SER B 113 1.76 -22.85 -19.21
N PHE B 114 2.36 -24.02 -19.26
CA PHE B 114 3.62 -24.16 -19.97
C PHE B 114 3.90 -25.61 -20.26
N LEU B 115 4.79 -25.85 -21.21
CA LEU B 115 5.18 -27.21 -21.52
C LEU B 115 6.59 -27.32 -20.96
N ASP B 116 6.88 -28.42 -20.27
CA ASP B 116 8.20 -28.59 -19.69
C ASP B 116 9.16 -29.09 -20.77
N ASP B 117 10.38 -29.40 -20.37
CA ASP B 117 11.40 -29.87 -21.30
C ASP B 117 10.98 -31.11 -22.07
N SER B 118 10.11 -31.93 -21.49
CA SER B 118 9.63 -33.13 -22.16
C SER B 118 8.29 -32.89 -22.86
N LEU B 119 7.94 -31.64 -23.06
CA LEU B 119 6.69 -31.26 -23.71
C LEU B 119 5.43 -31.63 -22.91
N VAL B 120 5.60 -31.94 -21.63
CA VAL B 120 4.48 -32.28 -20.76
C VAL B 120 3.82 -30.96 -20.33
N TYR B 121 2.51 -30.91 -20.46
CA TYR B 121 1.73 -29.73 -20.12
C TYR B 121 1.54 -29.61 -18.60
N HIS B 122 1.72 -28.41 -18.08
CA HIS B 122 1.55 -28.15 -16.65
C HIS B 122 0.89 -26.79 -16.49
N ILE B 123 0.12 -26.63 -15.42
CA ILE B 123 -0.52 -25.34 -15.14
C ILE B 123 -0.31 -25.02 -13.65
N LEU B 124 0.10 -23.81 -13.37
CA LEU B 124 0.28 -23.38 -11.99
C LEU B 124 -0.94 -22.49 -11.75
N ARG B 125 -1.69 -22.81 -10.70
CA ARG B 125 -2.91 -22.07 -10.35
C ARG B 125 -2.77 -21.49 -8.93
N LYS B 126 -3.17 -20.23 -8.74
CA LYS B 126 -3.08 -19.60 -7.42
C LYS B 126 -1.66 -19.82 -6.88
N HIS B 127 -0.68 -19.50 -7.70
CA HIS B 127 0.74 -19.69 -7.40
C HIS B 127 1.51 -18.40 -7.11
N SER B 128 0.89 -17.27 -7.46
CA SER B 128 1.53 -15.99 -7.29
C SER B 128 0.49 -14.93 -6.92
N ALA B 129 0.88 -14.02 -6.03
CA ALA B 129 -0.04 -12.97 -5.60
C ALA B 129 -0.19 -11.86 -6.65
N LYS B 130 -1.41 -11.35 -6.76
CA LYS B 130 -1.70 -10.24 -7.66
C LYS B 130 -2.01 -9.02 -6.77
N ARG B 131 -2.72 -9.27 -5.66
CA ARG B 131 -3.11 -8.21 -4.72
C ARG B 131 -2.96 -8.77 -3.32
N CYS B 132 -2.53 -7.94 -2.38
CA CYS B 132 -2.33 -8.32 -0.98
C CYS B 132 -3.37 -7.68 -0.07
N GLY B 133 -3.72 -8.38 1.01
CA GLY B 133 -4.70 -7.82 1.94
C GLY B 133 -4.65 -8.50 3.28
N CYS B 134 -5.11 -7.81 4.32
CA CYS B 134 -5.14 -8.40 5.64
C CYS B 134 -6.43 -9.21 5.71
N ILE B 135 -6.30 -10.51 5.90
CA ILE B 135 -7.48 -11.38 5.95
C ILE B 135 -7.46 -12.35 7.13
N GLY C 41 15.75 24.05 -13.47
CA GLY C 41 14.63 23.29 -14.02
C GLY C 41 13.35 23.59 -13.25
N CYS C 42 13.33 23.21 -11.97
CA CYS C 42 12.17 23.43 -11.11
C CYS C 42 12.13 24.92 -10.70
N VAL C 43 11.17 25.66 -11.26
CA VAL C 43 11.06 27.09 -10.96
C VAL C 43 9.62 27.52 -10.68
N LEU C 44 9.51 28.72 -10.14
CA LEU C 44 8.22 29.33 -9.83
C LEU C 44 7.81 30.20 -10.99
N THR C 45 6.53 30.16 -11.36
CA THR C 45 6.01 31.00 -12.45
C THR C 45 4.80 31.75 -11.88
N ALA C 46 4.76 33.07 -12.08
CA ALA C 46 3.63 33.90 -11.63
C ALA C 46 2.78 34.33 -12.81
N ILE C 47 1.46 34.09 -12.71
CA ILE C 47 0.54 34.48 -13.77
C ILE C 47 -0.70 35.16 -13.18
N HIS C 48 -1.28 36.03 -13.99
CA HIS C 48 -2.44 36.83 -13.63
C HIS C 48 -3.70 36.09 -14.12
N LEU C 49 -4.56 35.76 -13.16
CA LEU C 49 -5.80 35.05 -13.46
C LEU C 49 -7.05 35.72 -12.84
N ASN C 50 -8.20 35.34 -13.37
CA ASN C 50 -9.46 35.81 -12.79
C ASN C 50 -9.78 34.76 -11.73
N VAL C 51 -10.40 35.15 -10.62
CA VAL C 51 -10.75 34.14 -9.65
C VAL C 51 -11.67 33.12 -10.35
N THR C 52 -12.47 33.56 -11.32
CA THR C 52 -13.33 32.60 -12.00
C THR C 52 -12.60 31.57 -12.87
N ASP C 53 -11.32 31.80 -13.16
CA ASP C 53 -10.54 30.85 -13.96
C ASP C 53 -10.21 29.63 -13.06
N LEU C 54 -10.31 29.81 -11.75
CA LEU C 54 -9.99 28.77 -10.77
C LEU C 54 -10.94 27.59 -10.74
N GLY C 55 -12.16 27.82 -11.18
CA GLY C 55 -13.18 26.79 -11.26
C GLY C 55 -13.75 26.41 -9.92
N LEU C 56 -13.85 27.38 -9.02
CA LEU C 56 -14.37 27.12 -7.70
C LEU C 56 -15.88 27.43 -7.64
N GLY C 57 -16.43 27.83 -8.78
CA GLY C 57 -17.85 28.13 -8.88
C GLY C 57 -18.34 29.51 -8.49
N TYR C 58 -17.49 30.30 -7.86
CA TYR C 58 -17.87 31.63 -7.42
C TYR C 58 -17.90 32.66 -8.54
N GLU C 59 -19.01 33.37 -8.66
CA GLU C 59 -19.15 34.39 -9.68
C GLU C 59 -18.54 35.65 -9.08
N THR C 60 -17.57 36.23 -9.78
CA THR C 60 -16.90 37.40 -9.28
C THR C 60 -16.03 37.99 -10.36
N LYS C 61 -15.62 39.24 -10.16
CA LYS C 61 -14.76 39.93 -11.12
C LYS C 61 -13.33 40.04 -10.55
N GLU C 62 -13.13 39.54 -9.33
CA GLU C 62 -11.83 39.61 -8.67
C GLU C 62 -10.80 38.76 -9.42
N GLU C 63 -9.54 39.17 -9.28
CA GLU C 63 -8.40 38.51 -9.92
C GLU C 63 -7.42 38.12 -8.86
N LEU C 64 -6.32 37.50 -9.30
CA LEU C 64 -5.29 37.12 -8.36
C LEU C 64 -4.03 36.80 -9.15
N ILE C 65 -2.91 36.78 -8.44
CA ILE C 65 -1.65 36.39 -9.04
C ILE C 65 -1.48 34.95 -8.50
N PHE C 66 -1.45 33.96 -9.39
CA PHE C 66 -1.32 32.59 -8.98
C PHE C 66 0.09 32.20 -9.38
N ARG C 67 0.83 31.63 -8.43
CA ARG C 67 2.21 31.22 -8.70
C ARG C 67 2.27 29.71 -8.53
N TYR C 68 2.86 29.02 -9.51
CA TYR C 68 2.93 27.57 -9.44
C TYR C 68 4.36 27.11 -9.71
N CYS C 69 4.64 25.91 -9.21
CA CYS C 69 5.93 25.25 -9.34
C CYS C 69 5.87 24.24 -10.46
N SER C 70 6.82 24.33 -11.40
CA SER C 70 6.87 23.36 -12.50
C SER C 70 8.31 23.30 -13.06
N GLY C 71 8.63 22.21 -13.74
CA GLY C 71 9.98 22.09 -14.26
C GLY C 71 10.50 20.69 -13.98
N SER C 72 11.63 20.36 -14.58
CA SER C 72 12.21 19.03 -14.40
C SER C 72 13.03 18.91 -13.13
N CYS C 73 13.03 17.69 -12.60
CA CYS C 73 13.77 17.33 -11.40
C CYS C 73 14.56 16.09 -11.71
N GLU C 74 15.37 16.13 -12.77
CA GLU C 74 16.16 14.97 -13.16
C GLU C 74 17.51 14.91 -12.44
N ALA C 75 17.58 15.48 -11.24
CA ALA C 75 18.80 15.46 -10.44
C ALA C 75 18.58 14.54 -9.24
N ALA C 76 19.25 13.39 -9.26
CA ALA C 76 19.13 12.41 -8.19
C ALA C 76 19.84 12.82 -6.90
N GLU C 77 19.10 13.47 -6.02
CA GLU C 77 19.66 13.93 -4.76
C GLU C 77 19.94 12.77 -3.81
N THR C 78 19.03 11.82 -3.75
CA THR C 78 19.17 10.67 -2.87
C THR C 78 19.51 9.41 -3.66
N MET C 79 20.02 8.43 -2.94
CA MET C 79 20.36 7.13 -3.49
C MET C 79 19.08 6.56 -4.12
N TYR C 80 17.94 6.77 -3.45
CA TYR C 80 16.65 6.25 -3.91
C TYR C 80 16.35 6.73 -5.34
N ASP C 81 16.49 8.03 -5.56
CA ASP C 81 16.22 8.60 -6.88
C ASP C 81 17.29 8.17 -7.90
N LYS C 82 18.53 7.97 -7.44
CA LYS C 82 19.59 7.53 -8.35
C LYS C 82 19.20 6.14 -8.83
N ILE C 83 18.78 5.30 -7.89
CA ILE C 83 18.37 3.95 -8.20
C ILE C 83 17.16 3.91 -9.12
N LEU C 84 16.14 4.73 -8.83
CA LEU C 84 14.95 4.72 -9.68
C LEU C 84 15.32 5.02 -11.14
N LYS C 85 16.15 6.04 -11.32
CA LYS C 85 16.60 6.45 -12.65
C LYS C 85 17.30 5.30 -13.36
N ASN C 86 18.20 4.62 -12.65
CA ASN C 86 18.93 3.50 -13.23
C ASN C 86 18.01 2.35 -13.60
N LEU C 87 17.02 2.07 -12.76
CA LEU C 87 16.07 0.98 -13.01
C LEU C 87 15.11 1.28 -14.15
N SER C 88 14.90 2.57 -14.42
CA SER C 88 14.02 3.00 -15.50
C SER C 88 14.78 2.91 -16.81
N ARG C 89 16.04 3.33 -16.79
CA ARG C 89 16.90 3.29 -17.97
C ARG C 89 17.24 1.84 -18.34
N SER C 90 17.42 0.99 -17.34
CA SER C 90 17.72 -0.42 -17.60
C SER C 90 16.42 -1.18 -17.81
N ARG C 91 15.32 -0.44 -17.89
CA ARG C 91 14.00 -1.01 -18.09
C ARG C 91 13.64 -2.01 -17.01
N ARG C 92 14.31 -1.94 -15.87
CA ARG C 92 14.02 -2.87 -14.77
C ARG C 92 12.70 -2.59 -14.06
N LEU C 93 12.19 -1.36 -14.21
CA LEU C 93 10.93 -0.98 -13.58
C LEU C 93 9.98 -0.40 -14.62
N VAL C 98 8.58 3.98 -9.02
CA VAL C 98 8.50 4.40 -10.43
C VAL C 98 8.29 5.91 -10.55
N GLY C 99 7.97 6.56 -9.44
CA GLY C 99 7.78 7.99 -9.45
C GLY C 99 8.99 8.75 -8.95
N GLN C 100 9.64 9.49 -9.85
CA GLN C 100 10.80 10.27 -9.43
C GLN C 100 10.37 11.59 -8.80
N ALA C 101 11.34 12.39 -8.37
CA ALA C 101 11.09 13.65 -7.73
C ALA C 101 10.24 14.59 -8.60
N CYS C 102 9.42 15.42 -7.96
CA CYS C 102 8.61 16.34 -8.70
C CYS C 102 8.76 17.72 -8.12
N CYS C 103 8.55 18.70 -8.99
CA CYS C 103 8.68 20.09 -8.63
C CYS C 103 7.40 20.49 -7.90
N ARG C 104 7.55 20.88 -6.65
CA ARG C 104 6.41 21.22 -5.82
C ARG C 104 6.63 22.39 -4.90
N PRO C 105 5.53 22.96 -4.38
CA PRO C 105 5.66 24.08 -3.46
C PRO C 105 6.22 23.57 -2.14
N VAL C 106 7.16 24.32 -1.57
CA VAL C 106 7.72 23.98 -0.28
C VAL C 106 7.40 25.13 0.66
N ALA C 107 6.68 26.11 0.13
CA ALA C 107 6.25 27.27 0.91
C ALA C 107 5.11 27.92 0.11
N PHE C 108 4.16 28.54 0.79
CA PHE C 108 3.03 29.14 0.11
C PHE C 108 2.91 30.65 0.33
N ASP C 109 2.16 31.28 -0.56
CA ASP C 109 1.90 32.71 -0.50
C ASP C 109 0.89 32.96 0.61
N ASP C 110 0.73 34.23 0.99
CA ASP C 110 -0.22 34.61 2.04
C ASP C 110 -1.63 34.38 1.53
N ASP C 111 -2.59 34.32 2.47
CA ASP C 111 -4.00 34.13 2.12
C ASP C 111 -4.47 35.24 1.21
N LEU C 112 -5.45 34.92 0.37
CA LEU C 112 -6.04 35.88 -0.55
C LEU C 112 -7.54 35.93 -0.28
N SER C 113 -8.04 37.10 0.12
CA SER C 113 -9.47 37.23 0.36
C SER C 113 -10.05 37.83 -0.89
N PHE C 114 -11.28 37.46 -1.21
CA PHE C 114 -11.97 38.00 -2.37
C PHE C 114 -13.47 38.09 -2.14
N LEU C 115 -14.07 39.06 -2.81
CA LEU C 115 -15.50 39.30 -2.71
C LEU C 115 -16.25 38.68 -3.88
N ASP C 116 -17.38 38.09 -3.55
CA ASP C 116 -18.27 37.42 -4.46
C ASP C 116 -19.34 38.43 -4.90
N ASP C 117 -20.25 37.98 -5.76
CA ASP C 117 -21.33 38.87 -6.18
C ASP C 117 -22.44 38.67 -5.13
N SER C 118 -22.02 38.53 -3.88
CA SER C 118 -22.95 38.35 -2.78
C SER C 118 -22.41 38.97 -1.49
N LEU C 119 -23.09 38.65 -0.39
CA LEU C 119 -22.74 39.17 0.92
C LEU C 119 -21.72 38.30 1.65
N VAL C 120 -21.10 37.36 0.93
CA VAL C 120 -20.11 36.49 1.53
C VAL C 120 -18.69 36.78 1.06
N TYR C 121 -17.78 36.79 2.02
CA TYR C 121 -16.35 37.02 1.78
C TYR C 121 -15.71 35.64 1.74
N HIS C 122 -14.78 35.42 0.81
CA HIS C 122 -14.13 34.13 0.70
C HIS C 122 -12.62 34.27 0.82
N ILE C 123 -11.97 33.27 1.39
CA ILE C 123 -10.54 33.31 1.56
C ILE C 123 -9.84 32.07 1.04
N LEU C 124 -8.78 32.29 0.28
CA LEU C 124 -7.98 31.21 -0.29
C LEU C 124 -6.72 31.10 0.58
N ARG C 125 -6.44 29.89 1.06
CA ARG C 125 -5.26 29.65 1.89
C ARG C 125 -4.44 28.56 1.21
N LYS C 126 -3.11 28.68 1.25
CA LYS C 126 -2.21 27.72 0.61
C LYS C 126 -2.70 27.41 -0.80
N HIS C 127 -3.00 28.46 -1.55
CA HIS C 127 -3.53 28.34 -2.91
C HIS C 127 -2.49 28.71 -3.98
N SER C 128 -1.38 29.28 -3.54
CA SER C 128 -0.34 29.77 -4.46
C SER C 128 1.06 29.54 -3.87
N ALA C 129 1.98 29.05 -4.70
CA ALA C 129 3.35 28.77 -4.24
C ALA C 129 4.23 30.00 -4.05
N LYS C 130 5.10 29.94 -3.04
CA LYS C 130 6.03 31.01 -2.75
C LYS C 130 7.47 30.53 -2.99
N ARG C 131 7.69 29.23 -2.86
CA ARG C 131 9.01 28.63 -3.06
C ARG C 131 8.82 27.22 -3.60
N CYS C 132 9.73 26.78 -4.47
CA CYS C 132 9.61 25.47 -5.06
C CYS C 132 10.78 24.60 -4.66
N GLY C 133 10.60 23.30 -4.80
CA GLY C 133 11.66 22.35 -4.49
C GLY C 133 11.35 21.01 -5.12
N CYS C 134 12.39 20.26 -5.47
CA CYS C 134 12.19 18.94 -6.06
C CYS C 134 12.09 17.96 -4.89
N ILE C 135 10.91 17.36 -4.72
CA ILE C 135 10.70 16.44 -3.61
C ILE C 135 10.23 15.04 -4.01
N GLY D 41 -3.86 4.35 -6.64
CA GLY D 41 -3.49 4.97 -5.38
C GLY D 41 -2.02 4.84 -5.09
N CYS D 42 -1.50 5.69 -4.20
CA CYS D 42 -0.09 5.68 -3.81
C CYS D 42 0.23 4.55 -2.84
N VAL D 43 1.01 3.58 -3.30
CA VAL D 43 1.34 2.42 -2.47
C VAL D 43 2.81 2.02 -2.55
N LEU D 44 3.24 1.30 -1.52
CA LEU D 44 4.61 0.79 -1.45
C LEU D 44 4.58 -0.61 -2.04
N THR D 45 5.56 -0.90 -2.88
CA THR D 45 5.67 -2.20 -3.50
C THR D 45 7.16 -2.50 -3.41
N ALA D 46 7.53 -3.78 -3.53
CA ALA D 46 8.93 -4.11 -3.38
C ALA D 46 9.39 -5.10 -4.44
N ILE D 47 10.70 -5.11 -4.66
CA ILE D 47 11.27 -6.00 -5.66
C ILE D 47 12.66 -6.50 -5.19
N HIS D 48 12.92 -7.78 -5.42
CA HIS D 48 14.20 -8.37 -5.04
C HIS D 48 15.16 -8.02 -6.17
N LEU D 49 16.32 -7.49 -5.82
CA LEU D 49 17.31 -7.11 -6.81
C LEU D 49 18.72 -7.46 -6.34
N ASN D 50 19.66 -7.46 -7.27
CA ASN D 50 21.07 -7.70 -6.94
C ASN D 50 21.64 -6.29 -6.80
N VAL D 51 22.59 -6.10 -5.89
CA VAL D 51 23.18 -4.78 -5.71
C VAL D 51 23.70 -4.31 -7.07
N THR D 52 24.18 -5.24 -7.89
CA THR D 52 24.69 -4.86 -9.20
C THR D 52 23.60 -4.24 -10.07
N ASP D 53 22.36 -4.71 -9.90
CA ASP D 53 21.20 -4.23 -10.65
C ASP D 53 20.91 -2.74 -10.48
N LEU D 54 21.45 -2.15 -9.41
CA LEU D 54 21.20 -0.74 -9.12
C LEU D 54 21.95 0.22 -10.03
N GLY D 55 22.94 -0.30 -10.75
CA GLY D 55 23.72 0.52 -11.66
C GLY D 55 24.61 1.56 -11.02
N LEU D 56 25.09 1.28 -9.82
CA LEU D 56 25.96 2.21 -9.09
C LEU D 56 27.45 1.86 -9.21
N GLY D 57 27.77 0.85 -10.01
CA GLY D 57 29.17 0.48 -10.21
C GLY D 57 29.81 -0.41 -9.17
N TYR D 58 29.01 -1.05 -8.34
CA TYR D 58 29.54 -1.94 -7.32
C TYR D 58 29.75 -3.31 -7.88
N GLU D 59 30.82 -3.96 -7.42
CA GLU D 59 31.13 -5.31 -7.86
C GLU D 59 30.86 -6.17 -6.64
N THR D 60 29.69 -6.82 -6.63
CA THR D 60 29.31 -7.65 -5.49
C THR D 60 28.23 -8.64 -5.90
N LYS D 61 28.05 -9.69 -5.08
CA LYS D 61 27.01 -10.69 -5.34
C LYS D 61 25.81 -10.42 -4.43
N GLU D 62 25.99 -9.54 -3.46
CA GLU D 62 24.93 -9.25 -2.50
C GLU D 62 23.65 -8.76 -3.15
N GLU D 63 22.53 -9.10 -2.51
CA GLU D 63 21.21 -8.73 -2.97
C GLU D 63 20.51 -7.87 -1.94
N LEU D 64 19.33 -7.39 -2.31
CA LEU D 64 18.54 -6.58 -1.42
C LEU D 64 17.11 -6.55 -1.87
N ILE D 65 16.24 -6.01 -1.04
CA ILE D 65 14.86 -5.90 -1.43
C ILE D 65 14.72 -4.38 -1.52
N PHE D 66 14.40 -3.90 -2.70
CA PHE D 66 14.25 -2.48 -2.93
C PHE D 66 12.76 -2.18 -2.85
N ARG D 67 12.39 -1.19 -2.05
CA ARG D 67 10.98 -0.87 -1.95
C ARG D 67 10.82 0.56 -2.50
N TYR D 68 9.74 0.76 -3.24
CA TYR D 68 9.51 2.06 -3.87
C TYR D 68 8.05 2.44 -3.83
N CYS D 69 7.81 3.71 -4.13
CA CYS D 69 6.47 4.30 -4.10
C CYS D 69 5.93 4.56 -5.49
N SER D 70 4.69 4.13 -5.73
CA SER D 70 4.08 4.33 -7.03
C SER D 70 2.57 4.36 -6.93
N GLY D 71 1.97 5.05 -7.88
CA GLY D 71 0.52 5.15 -7.89
C GLY D 71 0.12 6.59 -8.11
N SER D 72 -1.18 6.82 -8.27
CA SER D 72 -1.68 8.16 -8.52
C SER D 72 -1.98 8.91 -7.24
N CYS D 73 -2.10 10.22 -7.38
CA CYS D 73 -2.41 11.12 -6.27
C CYS D 73 -3.55 12.01 -6.77
N GLU D 74 -4.75 11.44 -6.79
CA GLU D 74 -5.91 12.18 -7.27
C GLU D 74 -6.61 13.07 -6.25
N ALA D 75 -6.25 12.94 -4.99
CA ALA D 75 -6.86 13.76 -3.95
C ALA D 75 -6.08 15.06 -3.77
N ALA D 76 -6.76 16.19 -3.84
CA ALA D 76 -6.08 17.46 -3.65
C ALA D 76 -6.17 17.82 -2.17
N GLU D 77 -5.04 17.86 -1.48
CA GLU D 77 -5.05 18.19 -0.06
C GLU D 77 -4.99 19.68 0.24
N THR D 78 -4.58 20.49 -0.73
CA THR D 78 -4.51 21.93 -0.49
C THR D 78 -5.29 22.59 -1.61
N MET D 79 -5.57 23.88 -1.43
CA MET D 79 -6.31 24.61 -2.47
C MET D 79 -5.39 24.69 -3.70
N TYR D 80 -4.10 24.85 -3.48
CA TYR D 80 -3.12 24.90 -4.58
C TYR D 80 -3.33 23.65 -5.50
N ASP D 81 -3.37 22.45 -4.92
CA ASP D 81 -3.58 21.24 -5.69
C ASP D 81 -4.98 21.23 -6.35
N LYS D 82 -6.00 21.74 -5.65
CA LYS D 82 -7.33 21.75 -6.26
C LYS D 82 -7.30 22.65 -7.50
N ILE D 83 -6.66 23.81 -7.37
CA ILE D 83 -6.55 24.77 -8.49
C ILE D 83 -5.78 24.15 -9.64
N LEU D 84 -4.64 23.50 -9.38
CA LEU D 84 -3.89 22.88 -10.49
C LEU D 84 -4.72 21.85 -11.23
N LYS D 85 -5.50 21.06 -10.48
CA LYS D 85 -6.33 20.05 -11.11
C LYS D 85 -7.43 20.73 -11.95
N ASN D 86 -7.99 21.81 -11.43
CA ASN D 86 -9.03 22.52 -12.20
C ASN D 86 -8.47 23.20 -13.44
N LEU D 87 -7.35 23.90 -13.29
CA LEU D 87 -6.68 24.59 -14.41
C LEU D 87 -6.28 23.54 -15.46
N SER D 88 -5.81 22.39 -14.99
CA SER D 88 -5.46 21.33 -15.93
C SER D 88 -6.68 20.77 -16.65
N ARG D 89 -7.76 20.53 -15.94
CA ARG D 89 -8.96 20.00 -16.55
C ARG D 89 -9.60 20.98 -17.53
N SER D 90 -9.51 22.28 -17.26
CA SER D 90 -10.11 23.28 -18.15
C SER D 90 -9.15 23.68 -19.28
N ARG D 91 -7.95 23.11 -19.26
CA ARG D 91 -6.93 23.41 -20.25
C ARG D 91 -6.41 24.85 -20.22
N ARG D 92 -6.55 25.51 -19.07
CA ARG D 92 -6.04 26.88 -18.95
C ARG D 92 -4.52 26.77 -18.75
N LEU D 93 -4.08 25.59 -18.32
CA LEU D 93 -2.64 25.33 -18.18
C LEU D 93 -2.48 24.08 -19.05
N THR D 94 -1.49 24.08 -19.94
CA THR D 94 -1.33 22.96 -20.85
C THR D 94 -0.45 21.79 -20.42
N SER D 95 0.69 22.06 -19.80
CA SER D 95 1.60 20.99 -19.39
C SER D 95 0.83 19.78 -18.86
N ASP D 96 1.17 18.59 -19.35
CA ASP D 96 0.52 17.34 -18.95
C ASP D 96 -0.22 17.50 -17.62
N LYS D 97 0.51 17.29 -16.53
CA LYS D 97 -0.03 17.41 -15.18
C LYS D 97 0.93 18.33 -14.41
N VAL D 98 1.00 19.58 -14.86
CA VAL D 98 1.88 20.61 -14.28
C VAL D 98 1.87 20.65 -12.77
N GLY D 99 3.01 20.33 -12.18
CA GLY D 99 3.18 20.38 -10.73
C GLY D 99 2.24 19.66 -9.77
N GLN D 100 1.51 18.65 -10.22
CA GLN D 100 0.60 17.92 -9.33
C GLN D 100 1.38 17.10 -8.32
N ALA D 101 0.69 16.66 -7.26
CA ALA D 101 1.27 15.87 -6.18
C ALA D 101 1.87 14.56 -6.71
N CYS D 102 2.97 14.14 -6.10
CA CYS D 102 3.63 12.90 -6.52
C CYS D 102 3.71 11.84 -5.41
N CYS D 103 3.61 10.58 -5.79
CA CYS D 103 3.68 9.46 -4.86
C CYS D 103 5.18 9.27 -4.61
N ARG D 104 5.59 9.57 -3.38
CA ARG D 104 7.01 9.54 -3.03
C ARG D 104 7.26 8.93 -1.67
N PRO D 105 8.53 8.56 -1.40
CA PRO D 105 8.84 8.00 -0.09
C PRO D 105 8.77 9.12 0.97
N VAL D 106 8.14 8.84 2.10
CA VAL D 106 8.11 9.83 3.16
C VAL D 106 8.90 9.32 4.35
N ALA D 107 9.44 8.11 4.21
CA ALA D 107 10.31 7.51 5.25
C ALA D 107 11.14 6.45 4.51
N PHE D 108 12.35 6.21 5.00
CA PHE D 108 13.24 5.24 4.33
C PHE D 108 13.56 4.02 5.19
N ASP D 109 13.85 2.91 4.53
CA ASP D 109 14.21 1.65 5.18
C ASP D 109 15.58 1.83 5.84
N ASP D 110 16.02 0.82 6.60
CA ASP D 110 17.32 0.95 7.21
C ASP D 110 18.34 0.98 6.06
N ASP D 111 19.45 1.65 6.31
CA ASP D 111 20.52 1.78 5.35
C ASP D 111 21.07 0.40 5.01
N LEU D 112 21.40 0.21 3.74
CA LEU D 112 21.92 -1.08 3.25
C LEU D 112 23.45 -1.13 3.37
N SER D 113 24.03 -2.20 3.91
CA SER D 113 25.48 -2.28 3.96
C SER D 113 25.87 -3.58 3.29
N PHE D 114 27.06 -3.59 2.68
CA PHE D 114 27.52 -4.79 2.02
C PHE D 114 29.03 -4.68 1.81
N LEU D 115 29.65 -5.82 1.53
CA LEU D 115 31.09 -5.87 1.28
C LEU D 115 31.20 -6.13 -0.21
N ASP D 116 32.05 -5.40 -0.92
CA ASP D 116 32.18 -5.65 -2.34
C ASP D 116 33.23 -6.74 -2.57
N ASP D 117 33.57 -7.01 -3.82
CA ASP D 117 34.52 -8.07 -4.13
C ASP D 117 35.95 -7.72 -3.75
N SER D 118 36.25 -6.43 -3.59
CA SER D 118 37.58 -6.00 -3.20
C SER D 118 37.62 -5.93 -1.68
N LEU D 119 36.59 -6.49 -1.05
CA LEU D 119 36.45 -6.53 0.40
C LEU D 119 36.38 -5.13 1.04
N VAL D 120 35.70 -4.20 0.34
CA VAL D 120 35.52 -2.85 0.83
C VAL D 120 34.06 -2.70 1.25
N TYR D 121 33.84 -2.15 2.45
CA TYR D 121 32.49 -1.97 2.95
C TYR D 121 31.87 -0.72 2.34
N HIS D 122 30.57 -0.80 2.04
CA HIS D 122 29.78 0.31 1.50
C HIS D 122 28.47 0.37 2.23
N ILE D 123 27.99 1.58 2.50
CA ILE D 123 26.68 1.72 3.13
C ILE D 123 25.84 2.65 2.21
N LEU D 124 24.71 2.14 1.74
CA LEU D 124 23.79 2.90 0.87
C LEU D 124 22.77 3.51 1.81
N ARG D 125 22.73 4.83 1.88
CA ARG D 125 21.81 5.49 2.78
C ARG D 125 20.58 6.06 2.08
N LYS D 126 19.42 5.97 2.74
CA LYS D 126 18.16 6.43 2.15
C LYS D 126 18.02 5.89 0.74
N HIS D 127 18.15 4.58 0.62
CA HIS D 127 18.10 3.93 -0.70
C HIS D 127 16.80 3.21 -1.00
N SER D 128 15.93 3.10 -0.01
CA SER D 128 14.72 2.32 -0.18
C SER D 128 13.62 2.88 0.71
N ALA D 129 12.39 2.91 0.19
CA ALA D 129 11.24 3.47 0.91
C ALA D 129 10.65 2.54 1.97
N LYS D 130 10.22 3.15 3.07
CA LYS D 130 9.59 2.43 4.17
C LYS D 130 8.10 2.83 4.18
N ARG D 131 7.81 4.08 3.82
CA ARG D 131 6.43 4.57 3.79
C ARG D 131 6.29 5.51 2.59
N CYS D 132 5.11 5.48 1.95
CA CYS D 132 4.82 6.31 0.76
C CYS D 132 3.73 7.32 1.01
N GLY D 133 3.78 8.46 0.32
CA GLY D 133 2.75 9.45 0.49
C GLY D 133 2.72 10.38 -0.70
N CYS D 134 1.54 10.99 -0.94
CA CYS D 134 1.40 11.95 -2.03
C CYS D 134 1.87 13.30 -1.54
N ILE D 135 2.95 13.83 -2.12
CA ILE D 135 3.51 15.09 -1.66
C ILE D 135 3.70 16.13 -2.76
#